data_2F7D
#
_entry.id   2F7D
#
_cell.length_a   38.125
_cell.length_b   51.150
_cell.length_c   104.245
_cell.angle_alpha   90
_cell.angle_beta   90
_cell.angle_gamma   90
#
_symmetry.space_group_name_H-M   'P 21 21 21'
#
loop_
_entity.id
_entity.type
_entity.pdbx_description
1 polymer 'Cathepsin K'
2 non-polymer (1R,2R)-N-(2-AMINOETHYL)-2-{[(4-METHOXYPHENYL)SULFONYL]METHYL}CYCLOHEXANECARBOXAMIDE
3 water water
#
_entity_poly.entity_id   1
_entity_poly.type   'polypeptide(L)'
_entity_poly.pdbx_seq_one_letter_code
;TPDSIDYRKKGYVTPVKNQGQCGSCWAFSSVGALEGQLKKKTGKLLNLSPQNLVDCVSENDGCGGGYMTNAFQYVQRNRG
IDSEDAYPYVGQDESCMYNPTGKAAKCRGYREIPEGNEKALKRAVARVGPVSVAIDASLTSFQFYSKGVYYDENCSSDNL
NHAVLAVGYGIQKGNKHWIIKNSWGESWGNKGYILMARNKNNACGIANLASFPKM
;
_entity_poly.pdbx_strand_id   A
#
loop_
_chem_comp.id
_chem_comp.type
_chem_comp.name
_chem_comp.formula
NOQ non-polymer (1R,2R)-N-(2-AMINOETHYL)-2-{[(4-METHOXYPHENYL)SULFONYL]METHYL}CYCLOHEXANECARBOXAMIDE 'C17 H26 N2 O4 S'
#
# COMPACT_ATOMS: atom_id res chain seq x y z
N THR A 1 21.03 -7.83 5.50
CA THR A 1 19.94 -7.31 4.59
C THR A 1 20.15 -7.76 3.15
N PRO A 2 19.22 -8.59 2.63
CA PRO A 2 19.32 -9.08 1.26
C PRO A 2 19.31 -7.95 0.22
N ASP A 3 19.94 -8.20 -0.92
CA ASP A 3 20.00 -7.22 -1.98
C ASP A 3 18.73 -7.24 -2.80
N SER A 4 17.88 -8.23 -2.54
CA SER A 4 16.61 -8.36 -3.26
C SER A 4 15.66 -9.28 -2.50
N ILE A 5 14.37 -8.96 -2.55
CA ILE A 5 13.37 -9.78 -1.87
C ILE A 5 12.02 -9.49 -2.50
N ASP A 6 11.20 -10.52 -2.65
CA ASP A 6 9.88 -10.36 -3.26
C ASP A 6 8.88 -11.09 -2.36
N TYR A 7 8.15 -10.32 -1.56
CA TYR A 7 7.18 -10.91 -0.64
C TYR A 7 6.03 -11.67 -1.30
N ARG A 8 5.84 -11.46 -2.60
CA ARG A 8 4.78 -12.18 -3.30
C ARG A 8 5.15 -13.66 -3.29
N LYS A 9 6.43 -13.95 -3.39
CA LYS A 9 6.89 -15.34 -3.41
C LYS A 9 6.84 -15.99 -2.04
N LYS A 10 6.60 -15.19 -1.01
CA LYS A 10 6.52 -15.72 0.35
C LYS A 10 5.06 -15.89 0.78
N GLY A 11 4.13 -15.50 -0.07
CA GLY A 11 2.72 -15.63 0.24
C GLY A 11 2.19 -14.57 1.19
N TYR A 12 2.78 -13.39 1.15
CA TYR A 12 2.39 -12.27 2.01
C TYR A 12 1.48 -11.27 1.32
N VAL A 13 1.26 -11.46 0.02
CA VAL A 13 0.46 -10.51 -0.75
C VAL A 13 -0.79 -11.11 -1.38
N THR A 14 -1.92 -10.44 -1.19
CA THR A 14 -3.19 -10.89 -1.74
C THR A 14 -3.29 -10.44 -3.21
N PRO A 15 -4.29 -10.95 -3.94
CA PRO A 15 -4.45 -10.56 -5.35
C PRO A 15 -4.64 -9.06 -5.52
N VAL A 16 -4.28 -8.57 -6.71
CA VAL A 16 -4.42 -7.15 -7.04
C VAL A 16 -5.92 -6.82 -7.11
N LYS A 17 -6.29 -5.67 -6.55
CA LYS A 17 -7.68 -5.22 -6.53
C LYS A 17 -7.84 -4.00 -7.43
N ASN A 18 -9.09 -3.57 -7.63
CA ASN A 18 -9.37 -2.40 -8.45
C ASN A 18 -10.26 -1.45 -7.63
N GLN A 19 -9.72 -0.30 -7.28
CA GLN A 19 -10.44 0.70 -6.49
C GLN A 19 -11.59 1.36 -7.24
N GLY A 20 -11.59 1.23 -8.57
CA GLY A 20 -12.64 1.84 -9.36
C GLY A 20 -12.55 3.36 -9.38
N GLN A 21 -13.71 4.01 -9.48
CA GLN A 21 -13.76 5.47 -9.51
C GLN A 21 -14.03 6.04 -8.12
N CYS A 22 -13.13 5.71 -7.19
CA CYS A 22 -13.20 6.18 -5.82
C CYS A 22 -11.75 6.38 -5.42
N GLY A 23 -11.45 7.54 -4.83
CA GLY A 23 -10.08 7.82 -4.43
C GLY A 23 -9.71 7.12 -3.14
N SER A 24 -9.90 5.81 -3.11
CA SER A 24 -9.61 5.01 -1.93
C SER A 24 -8.25 4.32 -1.93
N CYS A 25 -7.33 4.80 -2.77
CA CYS A 25 -6.00 4.21 -2.83
C CYS A 25 -5.37 4.05 -1.45
N TRP A 26 -5.60 5.02 -0.58
CA TRP A 26 -5.05 4.99 0.78
C TRP A 26 -5.58 3.80 1.57
N ALA A 27 -6.82 3.44 1.34
CA ALA A 27 -7.43 2.31 2.04
C ALA A 27 -6.83 1.00 1.54
N PHE A 28 -6.64 0.88 0.23
CA PHE A 28 -6.05 -0.34 -0.32
C PHE A 28 -4.60 -0.48 0.11
N SER A 29 -3.88 0.64 0.16
CA SER A 29 -2.48 0.62 0.56
C SER A 29 -2.40 0.18 2.01
N SER A 30 -3.30 0.71 2.83
CA SER A 30 -3.34 0.37 4.26
C SER A 30 -3.69 -1.08 4.50
N VAL A 31 -4.71 -1.61 3.82
CA VAL A 31 -5.07 -3.01 4.04
C VAL A 31 -3.97 -3.95 3.57
N GLY A 32 -3.28 -3.59 2.49
CA GLY A 32 -2.22 -4.44 2.00
C GLY A 32 -1.13 -4.62 3.05
N ALA A 33 -0.80 -3.53 3.72
CA ALA A 33 0.23 -3.55 4.76
C ALA A 33 -0.25 -4.41 5.93
N LEU A 34 -1.53 -4.27 6.30
CA LEU A 34 -2.08 -5.05 7.39
C LEU A 34 -2.14 -6.53 6.99
N GLU A 35 -2.48 -6.79 5.73
CA GLU A 35 -2.55 -8.18 5.26
C GLU A 35 -1.18 -8.84 5.38
N GLY A 36 -0.13 -8.08 5.12
CA GLY A 36 1.21 -8.63 5.22
C GLY A 36 1.60 -8.98 6.65
N GLN A 37 1.25 -8.10 7.58
CA GLN A 37 1.58 -8.34 8.98
C GLN A 37 0.72 -9.44 9.56
N LEU A 38 -0.51 -9.55 9.09
CA LEU A 38 -1.40 -10.60 9.59
C LEU A 38 -0.82 -11.96 9.20
N LYS A 39 -0.34 -12.05 7.96
CA LYS A 39 0.24 -13.29 7.45
C LYS A 39 1.47 -13.68 8.28
N LYS A 40 2.32 -12.68 8.53
CA LYS A 40 3.54 -12.89 9.30
C LYS A 40 3.26 -13.31 10.74
N LYS A 41 2.18 -12.81 11.32
CA LYS A 41 1.87 -13.13 12.71
C LYS A 41 0.99 -14.36 12.92
N THR A 42 0.15 -14.70 11.95
CA THR A 42 -0.76 -15.83 12.09
C THR A 42 -0.56 -16.94 11.07
N GLY A 43 0.19 -16.64 10.02
CA GLY A 43 0.43 -17.64 9.00
C GLY A 43 -0.71 -17.71 8.00
N LYS A 44 -1.74 -16.88 8.19
CA LYS A 44 -2.89 -16.86 7.29
C LYS A 44 -2.92 -15.61 6.45
N LEU A 45 -3.23 -15.78 5.17
CA LEU A 45 -3.33 -14.65 4.24
C LEU A 45 -4.82 -14.48 3.92
N LEU A 46 -5.38 -13.32 4.27
CA LEU A 46 -6.81 -13.09 4.00
C LEU A 46 -7.00 -11.68 3.46
N ASN A 47 -8.06 -11.47 2.69
CA ASN A 47 -8.35 -10.15 2.17
C ASN A 47 -9.07 -9.33 3.23
N LEU A 48 -8.50 -8.19 3.59
CA LEU A 48 -9.09 -7.30 4.58
C LEU A 48 -9.94 -6.29 3.81
N SER A 49 -10.81 -5.56 4.49
CA SER A 49 -11.71 -4.66 3.79
C SER A 49 -11.43 -3.17 3.73
N PRO A 50 -11.11 -2.66 2.54
CA PRO A 50 -10.85 -1.22 2.42
C PRO A 50 -12.13 -0.41 2.64
N GLN A 51 -13.29 -0.99 2.32
CA GLN A 51 -14.55 -0.25 2.49
C GLN A 51 -14.77 0.09 3.96
N ASN A 52 -14.29 -0.77 4.85
CA ASN A 52 -14.40 -0.55 6.29
C ASN A 52 -13.70 0.78 6.59
N LEU A 53 -12.55 0.99 5.97
CA LEU A 53 -11.77 2.21 6.19
C LEU A 53 -12.39 3.42 5.50
N VAL A 54 -12.84 3.25 4.27
CA VAL A 54 -13.46 4.34 3.53
C VAL A 54 -14.63 4.95 4.29
N ASP A 55 -15.51 4.08 4.80
CA ASP A 55 -16.71 4.49 5.52
C ASP A 55 -16.51 4.94 6.95
N CYS A 56 -15.54 4.36 7.65
CA CYS A 56 -15.35 4.64 9.06
C CYS A 56 -14.23 5.55 9.56
N VAL A 57 -13.19 5.77 8.77
CA VAL A 57 -12.10 6.63 9.22
C VAL A 57 -12.53 8.08 9.11
N SER A 58 -12.98 8.65 10.21
CA SER A 58 -13.49 10.02 10.23
C SER A 58 -12.44 11.09 9.97
N GLU A 59 -11.17 10.74 10.10
CA GLU A 59 -10.11 11.72 9.87
C GLU A 59 -9.69 11.79 8.40
N ASN A 60 -10.23 10.88 7.59
CA ASN A 60 -9.93 10.88 6.16
C ASN A 60 -11.20 11.29 5.42
N ASP A 61 -11.10 11.45 4.10
CA ASP A 61 -12.26 11.85 3.31
C ASP A 61 -12.84 10.79 2.38
N GLY A 62 -12.74 9.53 2.79
CA GLY A 62 -13.30 8.46 1.99
C GLY A 62 -12.82 8.42 0.55
N CYS A 63 -13.76 8.46 -0.39
CA CYS A 63 -13.40 8.42 -1.81
C CYS A 63 -12.71 9.72 -2.24
N GLY A 64 -12.65 10.69 -1.33
CA GLY A 64 -12.00 11.95 -1.65
C GLY A 64 -10.53 11.96 -1.26
N GLY A 65 -10.04 10.85 -0.71
CA GLY A 65 -8.64 10.78 -0.32
C GLY A 65 -8.41 10.62 1.18
N GLY A 66 -7.16 10.36 1.56
CA GLY A 66 -6.84 10.18 2.96
C GLY A 66 -5.42 9.74 3.19
N TYR A 67 -5.03 9.63 4.46
CA TYR A 67 -3.68 9.19 4.81
C TYR A 67 -3.71 7.78 5.38
N MET A 68 -2.65 7.02 5.14
CA MET A 68 -2.57 5.65 5.65
C MET A 68 -2.40 5.63 7.16
N THR A 69 -1.67 6.60 7.70
CA THR A 69 -1.47 6.66 9.15
C THR A 69 -2.79 6.78 9.90
N ASN A 70 -3.72 7.56 9.35
CA ASN A 70 -5.04 7.74 9.94
C ASN A 70 -5.78 6.40 9.93
N ALA A 71 -5.56 5.63 8.86
CA ALA A 71 -6.21 4.34 8.72
C ALA A 71 -5.71 3.37 9.79
N PHE A 72 -4.40 3.33 10.00
CA PHE A 72 -3.85 2.43 11.01
C PHE A 72 -4.34 2.84 12.40
N GLN A 73 -4.41 4.15 12.62
CA GLN A 73 -4.87 4.66 13.91
C GLN A 73 -6.32 4.26 14.18
N TYR A 74 -7.16 4.28 13.14
CA TYR A 74 -8.55 3.88 13.30
C TYR A 74 -8.63 2.41 13.68
N VAL A 75 -7.88 1.57 12.96
CA VAL A 75 -7.90 0.14 13.26
C VAL A 75 -7.46 -0.13 14.71
N GLN A 76 -6.47 0.64 15.18
CA GLN A 76 -6.00 0.49 16.56
C GLN A 76 -7.07 0.85 17.58
N ARG A 77 -7.66 2.02 17.44
CA ARG A 77 -8.68 2.44 18.39
C ARG A 77 -9.98 1.65 18.26
N ASN A 78 -10.29 1.21 17.04
CA ASN A 78 -11.50 0.43 16.81
C ASN A 78 -11.27 -1.00 17.29
N ARG A 79 -10.00 -1.33 17.50
CA ARG A 79 -9.61 -2.66 17.94
C ARG A 79 -9.98 -3.72 16.92
N GLY A 80 -9.84 -3.39 15.63
CA GLY A 80 -10.14 -4.36 14.61
C GLY A 80 -10.59 -3.80 13.28
N ILE A 81 -10.50 -4.64 12.25
CA ILE A 81 -10.92 -4.29 10.90
C ILE A 81 -11.55 -5.57 10.34
N ASP A 82 -12.63 -5.41 9.58
CA ASP A 82 -13.34 -6.55 9.01
C ASP A 82 -12.63 -7.14 7.81
N SER A 83 -12.99 -8.39 7.49
CA SER A 83 -12.46 -9.08 6.32
C SER A 83 -13.29 -8.55 5.15
N GLU A 84 -12.77 -8.68 3.93
CA GLU A 84 -13.52 -8.20 2.76
C GLU A 84 -14.90 -8.86 2.69
N ASP A 85 -14.95 -10.13 3.06
CA ASP A 85 -16.20 -10.89 3.06
C ASP A 85 -17.28 -10.27 3.95
N ALA A 86 -16.85 -9.75 5.10
CA ALA A 86 -17.79 -9.17 6.06
C ALA A 86 -18.12 -7.70 5.82
N TYR A 87 -17.44 -7.08 4.85
CA TYR A 87 -17.67 -5.68 4.56
C TYR A 87 -17.13 -5.43 3.15
N PRO A 88 -17.85 -5.95 2.14
CA PRO A 88 -17.47 -5.81 0.73
C PRO A 88 -17.27 -4.41 0.19
N TYR A 89 -16.33 -4.30 -0.74
CA TYR A 89 -15.99 -3.02 -1.36
C TYR A 89 -16.99 -2.61 -2.41
N VAL A 90 -17.49 -1.39 -2.31
CA VAL A 90 -18.46 -0.87 -3.27
C VAL A 90 -17.98 0.37 -4.01
N GLY A 91 -16.85 0.92 -3.58
CA GLY A 91 -16.30 2.10 -4.24
C GLY A 91 -17.15 3.35 -4.15
N GLN A 92 -17.86 3.50 -3.03
CA GLN A 92 -18.72 4.66 -2.77
C GLN A 92 -18.64 5.01 -1.30
N ASP A 93 -18.83 6.28 -0.97
CA ASP A 93 -18.82 6.69 0.42
C ASP A 93 -20.17 6.30 1.02
N GLU A 94 -20.16 5.54 2.11
CA GLU A 94 -21.39 5.13 2.78
C GLU A 94 -21.21 5.22 4.28
N SER A 95 -22.29 5.10 5.05
CA SER A 95 -22.17 5.20 6.50
C SER A 95 -21.40 4.02 7.05
N CYS A 96 -20.68 4.24 8.15
CA CYS A 96 -19.88 3.20 8.77
C CYS A 96 -20.74 2.04 9.27
N MET A 97 -20.45 0.83 8.77
CA MET A 97 -21.22 -0.35 9.13
C MET A 97 -20.27 -1.48 9.60
N TYR A 98 -19.33 -1.12 10.46
CA TYR A 98 -18.36 -2.08 10.96
C TYR A 98 -19.08 -3.20 11.73
N ASN A 99 -18.76 -4.44 11.39
CA ASN A 99 -19.37 -5.61 12.03
C ASN A 99 -18.34 -6.35 12.87
N PRO A 100 -18.43 -6.24 14.21
CA PRO A 100 -17.45 -6.91 15.08
C PRO A 100 -17.33 -8.42 14.89
N THR A 101 -18.41 -9.08 14.49
CA THR A 101 -18.39 -10.53 14.27
C THR A 101 -17.55 -10.88 13.05
N GLY A 102 -17.23 -9.89 12.23
CA GLY A 102 -16.42 -10.15 11.05
C GLY A 102 -14.98 -9.69 11.16
N LYS A 103 -14.58 -9.29 12.36
CA LYS A 103 -13.21 -8.83 12.60
C LYS A 103 -12.20 -9.90 12.18
N ALA A 104 -11.19 -9.49 11.44
CA ALA A 104 -10.18 -10.43 10.96
C ALA A 104 -8.77 -10.10 11.46
N ALA A 105 -8.61 -8.89 11.99
CA ALA A 105 -7.31 -8.47 12.49
C ALA A 105 -7.43 -7.14 13.20
N LYS A 106 -6.34 -6.72 13.82
CA LYS A 106 -6.28 -5.42 14.49
C LYS A 106 -4.83 -5.00 14.41
N CYS A 107 -4.50 -3.85 14.97
CA CYS A 107 -3.12 -3.41 14.98
C CYS A 107 -2.94 -2.52 16.20
N ARG A 108 -1.69 -2.32 16.59
CA ARG A 108 -1.44 -1.51 17.77
C ARG A 108 -0.55 -0.32 17.50
N GLY A 109 -0.87 0.41 16.45
CA GLY A 109 -0.10 1.57 16.10
C GLY A 109 0.58 1.44 14.76
N TYR A 110 1.50 2.34 14.49
CA TYR A 110 2.23 2.34 13.24
C TYR A 110 3.56 3.03 13.44
N ARG A 111 4.46 2.85 12.49
CA ARG A 111 5.75 3.51 12.54
C ARG A 111 5.96 4.14 11.18
N GLU A 112 6.56 5.34 11.17
CA GLU A 112 6.82 6.06 9.93
C GLU A 112 8.30 5.97 9.59
N ILE A 113 8.59 5.89 8.30
CA ILE A 113 9.97 5.83 7.85
C ILE A 113 10.47 7.26 7.75
N PRO A 114 11.70 7.52 8.22
CA PRO A 114 12.21 8.90 8.12
C PRO A 114 12.03 9.43 6.69
N GLU A 115 11.43 10.61 6.58
CA GLU A 115 11.16 11.21 5.28
C GLU A 115 12.31 11.27 4.29
N GLY A 116 12.06 10.75 3.09
CA GLY A 116 13.05 10.76 2.03
C GLY A 116 14.20 9.78 2.10
N ASN A 117 14.20 8.92 3.11
CA ASN A 117 15.28 7.96 3.30
C ASN A 117 14.98 6.59 2.69
N GLU A 118 15.41 6.38 1.44
CA GLU A 118 15.17 5.11 0.76
C GLU A 118 15.92 3.94 1.38
N LYS A 119 17.02 4.26 2.06
CA LYS A 119 17.81 3.23 2.70
C LYS A 119 17.04 2.65 3.88
N ALA A 120 16.40 3.52 4.65
CA ALA A 120 15.60 3.08 5.78
C ALA A 120 14.38 2.31 5.27
N LEU A 121 13.84 2.73 4.13
CA LEU A 121 12.68 2.06 3.54
C LEU A 121 13.06 0.63 3.14
N LYS A 122 14.27 0.48 2.62
CA LYS A 122 14.75 -0.84 2.21
C LYS A 122 14.87 -1.76 3.42
N ARG A 123 15.47 -1.24 4.50
CA ARG A 123 15.64 -2.00 5.72
C ARG A 123 14.29 -2.39 6.32
N ALA A 124 13.32 -1.49 6.22
CA ALA A 124 11.99 -1.76 6.75
C ALA A 124 11.33 -2.88 5.96
N VAL A 125 11.36 -2.79 4.63
CA VAL A 125 10.75 -3.82 3.79
C VAL A 125 11.36 -5.19 4.08
N ALA A 126 12.69 -5.23 4.23
CA ALA A 126 13.39 -6.47 4.49
C ALA A 126 13.03 -7.07 5.84
N ARG A 127 12.98 -6.22 6.87
CA ARG A 127 12.69 -6.70 8.22
C ARG A 127 11.22 -6.88 8.60
N VAL A 128 10.35 -5.96 8.17
CA VAL A 128 8.95 -6.06 8.54
C VAL A 128 8.05 -6.72 7.51
N GLY A 129 8.18 -6.30 6.26
CA GLY A 129 7.36 -6.85 5.19
C GLY A 129 6.83 -5.72 4.33
N PRO A 130 5.71 -5.92 3.61
CA PRO A 130 5.14 -4.85 2.77
C PRO A 130 4.93 -3.55 3.54
N VAL A 131 5.28 -2.43 2.90
CA VAL A 131 5.15 -1.11 3.51
C VAL A 131 4.30 -0.18 2.65
N SER A 132 3.44 0.61 3.29
CA SER A 132 2.59 1.54 2.55
C SER A 132 3.40 2.78 2.16
N VAL A 133 3.30 3.20 0.91
CA VAL A 133 4.02 4.38 0.45
C VAL A 133 3.14 5.28 -0.42
N ALA A 134 3.50 6.56 -0.50
CA ALA A 134 2.75 7.52 -1.30
C ALA A 134 3.67 7.99 -2.44
N ILE A 135 3.10 8.21 -3.62
CA ILE A 135 3.90 8.64 -4.76
C ILE A 135 3.14 9.60 -5.66
N ASP A 136 3.85 10.14 -6.65
CA ASP A 136 3.24 11.01 -7.64
C ASP A 136 2.94 10.06 -8.79
N ALA A 137 1.66 9.85 -9.08
CA ALA A 137 1.28 8.95 -10.15
C ALA A 137 0.47 9.69 -11.21
N SER A 138 0.68 10.99 -11.32
CA SER A 138 -0.06 11.82 -12.28
C SER A 138 0.44 11.83 -13.71
N LEU A 139 1.66 11.33 -13.94
CA LEU A 139 2.22 11.34 -15.28
C LEU A 139 1.66 10.31 -16.24
N THR A 140 1.57 10.69 -17.51
CA THR A 140 1.05 9.80 -18.53
C THR A 140 1.89 8.54 -18.60
N SER A 141 3.21 8.71 -18.44
CA SER A 141 4.13 7.59 -18.48
C SER A 141 3.80 6.56 -17.41
N PHE A 142 3.32 7.01 -16.26
CA PHE A 142 2.96 6.08 -15.18
C PHE A 142 1.66 5.36 -15.56
N GLN A 143 0.67 6.11 -16.04
CA GLN A 143 -0.61 5.53 -16.41
C GLN A 143 -0.49 4.44 -17.47
N PHE A 144 0.44 4.61 -18.41
CA PHE A 144 0.59 3.61 -19.46
C PHE A 144 1.81 2.70 -19.30
N TYR A 145 2.32 2.61 -18.08
CA TYR A 145 3.47 1.74 -17.81
C TYR A 145 3.19 0.32 -18.25
N SER A 146 4.17 -0.32 -18.87
CA SER A 146 4.00 -1.68 -19.33
C SER A 146 5.10 -2.62 -18.89
N LYS A 147 6.35 -2.18 -18.99
CA LYS A 147 7.47 -3.03 -18.63
C LYS A 147 8.71 -2.25 -18.16
N GLY A 148 9.67 -2.97 -17.62
CA GLY A 148 10.91 -2.35 -17.17
C GLY A 148 10.83 -1.57 -15.88
N VAL A 149 11.90 -0.88 -15.55
CA VAL A 149 11.96 -0.07 -14.33
C VAL A 149 11.53 1.34 -14.67
N TYR A 150 10.43 1.77 -14.08
CA TYR A 150 9.89 3.10 -14.34
C TYR A 150 10.67 4.24 -13.70
N TYR A 151 10.93 5.26 -14.52
CA TYR A 151 11.63 6.46 -14.12
C TYR A 151 11.33 7.57 -15.10
N ASP A 152 10.83 8.69 -14.59
CA ASP A 152 10.51 9.84 -15.41
C ASP A 152 11.04 11.05 -14.66
N GLU A 153 11.90 11.84 -15.30
CA GLU A 153 12.47 13.00 -14.63
C GLU A 153 11.43 14.06 -14.31
N ASN A 154 10.22 13.89 -14.85
CA ASN A 154 9.13 14.82 -14.62
C ASN A 154 8.31 14.47 -13.37
N CYS A 155 8.66 13.36 -12.71
CA CYS A 155 7.92 12.95 -11.51
C CYS A 155 8.25 13.90 -10.37
N SER A 156 7.23 14.29 -9.62
CA SER A 156 7.43 15.20 -8.50
C SER A 156 7.66 14.45 -7.19
N SER A 157 8.57 14.98 -6.37
CA SER A 157 8.87 14.39 -5.08
C SER A 157 8.01 15.06 -4.02
N ASP A 158 7.36 16.15 -4.42
CA ASP A 158 6.52 16.91 -3.49
C ASP A 158 5.03 16.73 -3.72
N ASN A 159 4.64 16.36 -4.93
CA ASN A 159 3.24 16.18 -5.28
C ASN A 159 2.80 14.73 -5.09
N LEU A 160 2.52 14.35 -3.84
CA LEU A 160 2.08 13.00 -3.55
C LEU A 160 0.57 12.96 -3.78
N ASN A 161 0.12 12.13 -4.71
CA ASN A 161 -1.30 12.07 -5.02
C ASN A 161 -1.90 10.67 -5.09
N HIS A 162 -1.08 9.66 -4.84
CA HIS A 162 -1.53 8.28 -4.91
C HIS A 162 -0.84 7.44 -3.85
N ALA A 163 -1.50 6.38 -3.41
CA ALA A 163 -0.92 5.49 -2.41
C ALA A 163 -0.86 4.08 -2.96
N VAL A 164 0.27 3.42 -2.73
CA VAL A 164 0.47 2.05 -3.19
C VAL A 164 1.16 1.22 -2.12
N LEU A 165 1.57 0.02 -2.48
CA LEU A 165 2.20 -0.87 -1.53
C LEU A 165 3.53 -1.41 -2.05
N ALA A 166 4.59 -1.22 -1.27
CA ALA A 166 5.92 -1.73 -1.65
C ALA A 166 6.01 -3.15 -1.12
N VAL A 167 6.02 -4.14 -2.02
CA VAL A 167 6.09 -5.53 -1.60
C VAL A 167 7.45 -6.18 -1.78
N GLY A 168 8.47 -5.37 -2.08
CA GLY A 168 9.80 -5.91 -2.26
C GLY A 168 10.69 -4.95 -3.00
N TYR A 169 11.88 -5.43 -3.36
CA TYR A 169 12.83 -4.61 -4.10
C TYR A 169 13.87 -5.55 -4.71
N GLY A 170 14.55 -5.05 -5.74
CA GLY A 170 15.56 -5.88 -6.39
C GLY A 170 16.26 -5.09 -7.46
N ILE A 171 16.78 -5.80 -8.46
CA ILE A 171 17.49 -5.17 -9.56
C ILE A 171 17.12 -5.88 -10.85
N GLN A 172 16.84 -5.11 -11.90
CA GLN A 172 16.50 -5.68 -13.19
C GLN A 172 17.41 -5.07 -14.24
N LYS A 173 18.22 -5.91 -14.86
CA LYS A 173 19.15 -5.46 -15.88
C LYS A 173 20.02 -4.30 -15.41
N GLY A 174 20.57 -4.43 -14.20
CA GLY A 174 21.43 -3.39 -13.67
C GLY A 174 20.75 -2.19 -13.03
N ASN A 175 19.42 -2.14 -13.11
CA ASN A 175 18.67 -1.03 -12.52
C ASN A 175 17.95 -1.46 -11.25
N LYS A 176 18.23 -0.75 -10.15
CA LYS A 176 17.61 -1.05 -8.85
C LYS A 176 16.19 -0.54 -8.85
N HIS A 177 15.30 -1.28 -8.22
CA HIS A 177 13.89 -0.90 -8.20
C HIS A 177 13.15 -1.33 -6.95
N TRP A 178 11.91 -0.84 -6.87
CA TRP A 178 10.98 -1.18 -5.79
C TRP A 178 9.86 -1.96 -6.49
N ILE A 179 9.38 -3.05 -5.88
CA ILE A 179 8.28 -3.80 -6.47
C ILE A 179 7.02 -3.19 -5.86
N ILE A 180 6.19 -2.56 -6.69
CA ILE A 180 5.00 -1.88 -6.23
C ILE A 180 3.66 -2.48 -6.65
N LYS A 181 2.80 -2.71 -5.67
CA LYS A 181 1.46 -3.25 -5.93
C LYS A 181 0.50 -2.07 -6.02
N ASN A 182 -0.18 -1.94 -7.15
CA ASN A 182 -1.12 -0.85 -7.35
C ASN A 182 -2.52 -1.38 -7.12
N SER A 183 -3.52 -0.52 -7.16
CA SER A 183 -4.92 -0.92 -6.96
C SER A 183 -5.82 -0.47 -8.11
N TRP A 184 -5.32 -0.64 -9.33
CA TRP A 184 -6.06 -0.26 -10.53
C TRP A 184 -6.44 -1.47 -11.37
N GLY A 185 -6.46 -2.65 -10.75
CA GLY A 185 -6.82 -3.87 -11.47
C GLY A 185 -5.62 -4.54 -12.10
N GLU A 186 -5.81 -5.79 -12.53
CA GLU A 186 -4.74 -6.58 -13.15
C GLU A 186 -4.44 -6.15 -14.58
N SER A 187 -5.39 -5.45 -15.19
CA SER A 187 -5.21 -5.01 -16.57
C SER A 187 -4.25 -3.82 -16.67
N TRP A 188 -3.91 -3.24 -15.52
CA TRP A 188 -2.99 -2.11 -15.52
C TRP A 188 -1.54 -2.55 -15.29
N GLY A 189 -0.61 -1.83 -15.91
CA GLY A 189 0.80 -2.15 -15.76
C GLY A 189 1.15 -3.58 -16.08
N ASN A 190 2.00 -4.19 -15.25
CA ASN A 190 2.40 -5.57 -15.42
C ASN A 190 1.61 -6.43 -14.46
N LYS A 191 0.41 -6.81 -14.88
CA LYS A 191 -0.50 -7.63 -14.08
C LYS A 191 -0.81 -6.93 -12.74
N GLY A 192 -0.93 -5.60 -12.80
CA GLY A 192 -1.26 -4.83 -11.61
C GLY A 192 -0.07 -4.27 -10.84
N TYR A 193 1.13 -4.61 -11.29
CA TYR A 193 2.36 -4.18 -10.65
C TYR A 193 3.21 -3.26 -11.50
N ILE A 194 4.14 -2.57 -10.83
CA ILE A 194 5.07 -1.68 -11.51
C ILE A 194 6.37 -1.70 -10.74
N LEU A 195 7.48 -1.66 -11.47
CA LEU A 195 8.80 -1.64 -10.85
C LEU A 195 9.23 -0.18 -10.93
N MET A 196 9.44 0.45 -9.78
CA MET A 196 9.83 1.85 -9.74
C MET A 196 11.28 2.03 -9.32
N ALA A 197 11.95 2.96 -9.99
CA ALA A 197 13.36 3.26 -9.74
C ALA A 197 13.69 3.43 -8.26
N ARG A 198 14.74 2.72 -7.84
CA ARG A 198 15.21 2.76 -6.45
C ARG A 198 16.61 3.39 -6.38
N ASN A 199 16.79 4.28 -5.41
CA ASN A 199 18.05 4.98 -5.20
C ASN A 199 18.38 5.96 -6.31
N LYS A 200 17.34 6.52 -6.91
CA LYS A 200 17.53 7.51 -7.96
C LYS A 200 16.94 8.82 -7.46
N ASN A 201 17.46 9.24 -6.31
CA ASN A 201 17.05 10.47 -5.64
C ASN A 201 15.57 10.55 -5.29
N ASN A 202 15.08 9.50 -4.65
CA ASN A 202 13.69 9.43 -4.19
C ASN A 202 12.72 9.74 -5.32
N ALA A 203 12.85 9.01 -6.43
CA ALA A 203 11.99 9.20 -7.59
C ALA A 203 10.51 9.11 -7.26
N CYS A 204 9.76 10.12 -7.68
CA CYS A 204 8.32 10.19 -7.45
C CYS A 204 7.93 10.28 -5.98
N GLY A 205 8.90 10.59 -5.13
CA GLY A 205 8.65 10.75 -3.70
C GLY A 205 8.32 9.47 -2.94
N ILE A 206 8.81 8.35 -3.45
CA ILE A 206 8.57 7.02 -2.88
C ILE A 206 8.84 6.86 -1.38
N ALA A 207 9.83 7.59 -0.85
CA ALA A 207 10.14 7.46 0.57
C ALA A 207 9.75 8.67 1.41
N ASN A 208 8.90 9.53 0.86
CA ASN A 208 8.46 10.71 1.59
C ASN A 208 7.31 10.51 2.56
N LEU A 209 6.52 9.46 2.36
CA LEU A 209 5.39 9.23 3.23
C LEU A 209 5.14 7.74 3.40
N ALA A 210 6.14 7.02 3.89
CA ALA A 210 6.03 5.56 4.08
C ALA A 210 5.72 5.19 5.53
N SER A 211 4.92 4.16 5.71
CA SER A 211 4.54 3.71 7.05
C SER A 211 4.10 2.26 7.05
N PHE A 212 4.12 1.64 8.23
CA PHE A 212 3.68 0.26 8.34
C PHE A 212 3.04 0.09 9.71
N PRO A 213 2.09 -0.84 9.83
CA PRO A 213 1.42 -1.07 11.10
C PRO A 213 2.19 -2.00 12.03
N LYS A 214 1.92 -1.85 13.32
CA LYS A 214 2.52 -2.68 14.36
C LYS A 214 1.37 -3.54 14.89
N MET A 215 1.64 -4.81 15.16
CA MET A 215 0.58 -5.66 15.69
C MET A 215 0.92 -6.13 17.10
C2 NOQ B . -7.69 13.85 1.79
C3 NOQ B . -7.10 13.71 3.06
C4 NOQ B . -5.69 13.74 3.18
C5 NOQ B . -4.90 13.91 2.04
C6 NOQ B . -6.91 14.01 0.66
C7 NOQ B . -5.51 14.04 0.79
O1 NOQ B . -7.83 13.66 4.13
C11 NOQ B . -6.32 9.13 -3.84
N10 NOQ B . -5.13 9.78 -3.30
C18 NOQ B . -4.92 10.00 -2.01
O19 NOQ B . -5.80 9.86 -1.15
C12 NOQ B . -3.46 10.45 -1.63
C16 NOQ B . -2.78 9.33 -0.82
C17 NOQ B . -1.40 9.73 -0.35
C15 NOQ B . -1.42 11.01 0.44
C14 NOQ B . -2.14 12.12 -0.28
C13 NOQ B . -3.56 11.72 -0.75
C30 NOQ B . -4.15 12.90 -1.56
S8 NOQ B . -4.53 14.41 -0.61
O9 NOQ B . -5.30 15.40 -1.57
O41 NOQ B . -3.16 15.08 -0.14
C44 NOQ B . -7.44 13.58 5.38
C20 NOQ B . -6.11 7.66 -4.09
N21 NOQ B . -6.81 7.06 -4.98
#